data_4ROJ
#
_entry.id   4ROJ
#
_cell.length_a   99.764
_cell.length_b   99.764
_cell.length_c   160.946
_cell.angle_alpha   90.000
_cell.angle_beta   90.000
_cell.angle_gamma   120.000
#
_symmetry.space_group_name_H-M   'P 61 2 2'
#
loop_
_entity.id
_entity.type
_entity.pdbx_description
1 polymer 'Guanine nucleotide exchange factor VAV2'
2 polymer 'Thioredoxin-interacting protein'
3 non-polymer 'UNKNOWN ATOM OR ION'
4 water water
#
loop_
_entity_poly.entity_id
_entity_poly.type
_entity_poly.pdbx_seq_one_letter_code
_entity_poly.pdbx_strand_id
1 'polypeptide(L)'
;GDYTAYPWFAGNMERQQTDNLLKSHASGTYLIRERPAEAERFAISIKFNDEVKHIKVVEKDNWIHITEAKKFDSLLELVE
YYQCHSLKESFKQLDTTLKYPYKSRERSASRASSRSP
;
A,B,C
2 'polypeptide(L)' (ACE)TPEAPPC(PTR)MDVI(NH2) D,E,F
#
# COMPACT_ATOMS: atom_id res chain seq x y z
N ASP A 2 16.63 7.20 25.15
CA ASP A 2 16.17 8.28 24.22
C ASP A 2 16.92 8.16 22.89
N TYR A 3 16.19 7.77 21.85
CA TYR A 3 16.77 7.46 20.54
C TYR A 3 16.42 8.49 19.52
N THR A 4 15.85 9.60 19.96
CA THR A 4 15.29 10.58 19.01
C THR A 4 16.39 11.22 18.16
N ALA A 5 17.62 11.20 18.65
CA ALA A 5 18.76 11.70 17.91
C ALA A 5 19.15 10.82 16.71
N TYR A 6 18.82 9.52 16.75
CA TYR A 6 19.32 8.62 15.72
C TYR A 6 18.52 8.73 14.43
N PRO A 7 19.21 8.80 13.28
CA PRO A 7 18.55 8.92 11.96
C PRO A 7 17.66 7.74 11.56
N TRP A 8 17.82 6.61 12.24
CA TRP A 8 16.97 5.41 12.01
C TRP A 8 15.76 5.33 12.94
N PHE A 9 15.66 6.25 13.91
CA PHE A 9 14.58 6.20 14.86
C PHE A 9 13.37 7.04 14.41
N ALA A 10 12.24 6.38 14.27
CA ALA A 10 11.00 6.98 13.74
C ALA A 10 9.95 7.27 14.80
N GLY A 11 10.23 7.00 16.08
CA GLY A 11 9.27 7.27 17.11
C GLY A 11 8.02 6.39 16.93
N ASN A 12 6.87 6.96 17.23
CA ASN A 12 5.57 6.25 17.25
CA ASN A 12 5.58 6.22 17.26
C ASN A 12 4.92 6.10 15.88
N MET A 13 5.69 5.82 14.84
CA MET A 13 5.13 5.74 13.47
C MET A 13 4.41 4.40 13.34
N GLU A 14 3.20 4.36 12.75
CA GLU A 14 2.48 3.06 12.60
C GLU A 14 2.72 2.38 11.23
N ARG A 15 2.17 1.17 11.03
CA ARG A 15 2.58 0.36 9.90
C ARG A 15 2.27 1.06 8.60
N GLN A 16 1.08 1.62 8.47
CA GLN A 16 0.66 2.22 7.20
C GLN A 16 1.63 3.37 6.79
N GLN A 17 1.95 4.23 7.73
CA GLN A 17 2.87 5.33 7.45
C GLN A 17 4.19 4.81 7.04
N THR A 18 4.66 3.80 7.75
CA THR A 18 5.99 3.24 7.51
C THR A 18 6.07 2.61 6.11
N ASP A 19 5.06 1.80 5.76
CA ASP A 19 5.01 1.18 4.44
C ASP A 19 5.00 2.24 3.35
N ASN A 20 4.12 3.23 3.52
CA ASN A 20 3.99 4.29 2.55
C ASN A 20 5.30 5.04 2.38
N LEU A 21 6.07 5.15 3.43
CA LEU A 21 7.33 5.86 3.37
C LEU A 21 8.49 5.07 2.75
N LEU A 22 8.72 3.84 3.24
CA LEU A 22 9.83 3.03 2.78
C LEU A 22 9.66 2.43 1.38
N LYS A 23 8.41 2.26 0.92
CA LYS A 23 8.15 1.54 -0.32
C LYS A 23 8.84 2.30 -1.48
N SER A 24 9.03 3.61 -1.35
CA SER A 24 9.66 4.39 -2.40
C SER A 24 11.19 4.45 -2.27
N HIS A 25 11.76 3.83 -1.23
CA HIS A 25 13.23 3.87 -0.95
C HIS A 25 13.99 2.65 -1.42
N ALA A 26 15.32 2.75 -1.41
CA ALA A 26 16.19 1.68 -1.86
C ALA A 26 16.21 0.48 -0.88
N SER A 27 16.44 -0.71 -1.45
CA SER A 27 16.57 -1.95 -0.67
C SER A 27 17.62 -1.70 0.39
N GLY A 28 17.34 -2.04 1.66
CA GLY A 28 18.27 -1.80 2.77
C GLY A 28 17.94 -0.57 3.62
N THR A 29 16.98 0.25 3.14
CA THR A 29 16.49 1.37 3.94
C THR A 29 15.62 0.87 5.11
N TYR A 30 15.87 1.41 6.32
CA TYR A 30 15.23 0.90 7.51
C TYR A 30 14.93 1.95 8.55
N LEU A 31 14.05 1.58 9.43
CA LEU A 31 13.71 2.37 10.59
C LEU A 31 13.33 1.48 11.77
N ILE A 32 13.49 2.00 12.98
CA ILE A 32 12.93 1.42 14.17
C ILE A 32 11.80 2.29 14.63
N ARG A 33 10.66 1.67 14.91
CA ARG A 33 9.49 2.39 15.36
C ARG A 33 8.97 1.77 16.68
N GLU A 34 8.36 2.62 17.49
CA GLU A 34 7.72 2.23 18.71
C GLU A 34 6.30 1.77 18.50
N ARG A 35 5.94 0.80 19.35
CA ARG A 35 4.61 0.19 19.41
C ARG A 35 4.14 0.28 20.89
N PRO A 36 3.69 1.47 21.31
CA PRO A 36 3.45 1.72 22.75
C PRO A 36 2.49 0.71 23.43
N ALA A 37 1.51 0.22 22.67
CA ALA A 37 0.43 -0.62 23.22
C ALA A 37 0.90 -2.02 23.56
N GLU A 38 1.96 -2.49 22.89
CA GLU A 38 2.21 -3.92 22.73
C GLU A 38 3.28 -4.49 23.63
N ALA A 39 3.30 -5.83 23.72
CA ALA A 39 4.31 -6.57 24.51
C ALA A 39 5.69 -6.54 23.84
N GLU A 40 5.69 -6.27 22.54
CA GLU A 40 6.92 -6.06 21.81
C GLU A 40 6.86 -4.58 21.41
N ARG A 41 7.57 -3.73 22.14
CA ARG A 41 7.32 -2.29 22.00
C ARG A 41 8.11 -1.60 20.87
N PHE A 42 9.00 -2.31 20.19
CA PHE A 42 9.57 -1.85 18.94
C PHE A 42 9.39 -2.80 17.77
N ALA A 43 9.47 -2.23 16.58
CA ALA A 43 9.61 -3.00 15.36
C ALA A 43 10.72 -2.40 14.52
N ILE A 44 11.39 -3.28 13.77
CA ILE A 44 12.27 -2.87 12.71
C ILE A 44 11.51 -3.04 11.41
N SER A 45 11.51 -1.98 10.63
CA SER A 45 10.96 -2.05 9.29
C SER A 45 12.05 -1.77 8.23
N ILE A 46 12.06 -2.58 7.18
CA ILE A 46 13.10 -2.54 6.18
C ILE A 46 12.60 -2.85 4.78
N LYS A 47 13.04 -2.03 3.83
CA LYS A 47 12.78 -2.27 2.42
C LYS A 47 13.70 -3.37 1.96
N PHE A 48 13.16 -4.40 1.34
CA PHE A 48 14.01 -5.44 0.78
C PHE A 48 13.32 -6.04 -0.41
N ASN A 49 14.01 -6.06 -1.55
N ASN A 49 14.13 -6.20 -1.48
CA ASN A 49 13.48 -6.63 -2.80
CA ASN A 49 13.63 -6.34 -2.82
C ASN A 49 11.97 -6.41 -3.05
C ASN A 49 12.64 -5.23 -3.04
N ASP A 50 11.64 -5.13 -3.22
N ASP A 50 11.39 -5.64 -3.19
CA ASP A 50 10.30 -4.66 -3.62
CA ASP A 50 10.33 -4.78 -3.60
C ASP A 50 9.21 -4.79 -2.57
N GLU A 51 9.60 -5.07 -1.31
CA GLU A 51 8.67 -5.19 -0.23
C GLU A 51 9.19 -4.45 0.98
N VAL A 52 8.28 -4.11 1.86
CA VAL A 52 8.67 -3.58 3.14
C VAL A 52 8.40 -4.68 4.17
N LYS A 53 9.45 -5.14 4.84
CA LYS A 53 9.34 -6.22 5.82
C LYS A 53 9.37 -5.63 7.23
N HIS A 54 8.75 -6.33 8.16
CA HIS A 54 8.62 -5.86 9.51
C HIS A 54 8.99 -6.99 10.48
N ILE A 55 9.77 -6.62 11.49
CA ILE A 55 10.28 -7.55 12.47
C ILE A 55 10.02 -7.02 13.90
N LYS A 56 9.43 -7.86 14.72
CA LYS A 56 9.17 -7.53 16.12
C LYS A 56 10.42 -7.53 16.92
N VAL A 57 10.52 -6.55 17.81
CA VAL A 57 11.66 -6.45 18.73
C VAL A 57 11.07 -6.80 20.07
N VAL A 58 11.58 -7.88 20.67
CA VAL A 58 11.03 -8.38 21.94
C VAL A 58 11.95 -8.00 23.12
N GLU A 59 11.36 -7.58 24.24
CA GLU A 59 12.09 -7.46 25.49
C GLU A 59 11.56 -8.51 26.43
N LYS A 60 12.47 -9.35 26.91
CA LYS A 60 12.11 -10.47 27.76
C LYS A 60 13.24 -10.64 28.77
N ASP A 61 12.88 -10.74 30.05
CA ASP A 61 13.87 -10.80 31.12
C ASP A 61 14.77 -9.54 31.03
N ASN A 62 16.08 -9.70 31.12
CA ASN A 62 17.00 -8.55 31.10
C ASN A 62 17.40 -8.08 29.66
N TRP A 63 16.85 -8.71 28.61
CA TRP A 63 17.45 -8.57 27.28
C TRP A 63 16.45 -8.18 26.21
N ILE A 64 16.99 -7.79 25.07
CA ILE A 64 16.20 -7.36 23.95
C ILE A 64 16.71 -8.07 22.69
N HIS A 65 15.78 -8.46 21.80
CA HIS A 65 16.18 -9.33 20.65
C HIS A 65 15.14 -9.37 19.56
N ILE A 66 15.57 -9.71 18.37
CA ILE A 66 14.61 -10.10 17.30
C ILE A 66 14.55 -11.60 17.15
N THR A 67 15.58 -12.32 17.64
CA THR A 67 15.49 -13.74 17.85
C THR A 67 16.12 -14.09 19.18
N GLU A 68 15.52 -15.04 19.90
CA GLU A 68 16.08 -15.48 21.20
C GLU A 68 17.47 -16.08 21.10
N ALA A 69 17.91 -16.44 19.89
CA ALA A 69 19.27 -16.96 19.64
C ALA A 69 20.38 -15.90 19.70
N LYS A 70 20.03 -14.61 19.71
CA LYS A 70 21.01 -13.54 19.74
C LYS A 70 20.44 -12.39 20.58
N LYS A 71 20.89 -12.27 21.82
CA LYS A 71 20.26 -11.39 22.79
C LYS A 71 21.19 -10.25 23.10
N PHE A 72 20.62 -9.06 23.29
CA PHE A 72 21.40 -7.85 23.53
C PHE A 72 20.96 -7.13 24.81
N ASP A 73 21.83 -6.28 25.35
CA ASP A 73 21.56 -5.58 26.62
C ASP A 73 20.81 -4.25 26.35
N SER A 74 20.67 -3.87 25.08
CA SER A 74 20.03 -2.59 24.74
C SER A 74 19.65 -2.54 23.28
N LEU A 75 18.65 -1.71 23.00
CA LEU A 75 18.20 -1.51 21.62
C LEU A 75 19.35 -1.00 20.78
N LEU A 76 20.16 -0.07 21.29
CA LEU A 76 21.30 0.47 20.48
C LEU A 76 22.27 -0.67 19.99
N GLU A 77 22.64 -1.55 20.90
CA GLU A 77 23.52 -2.69 20.62
C GLU A 77 22.92 -3.60 19.59
N LEU A 78 21.62 -3.84 19.71
CA LEU A 78 20.95 -4.66 18.75
C LEU A 78 21.00 -4.01 17.35
N VAL A 79 20.63 -2.74 17.28
CA VAL A 79 20.64 -2.05 16.01
C VAL A 79 22.06 -2.04 15.39
N GLU A 80 23.06 -1.72 16.20
CA GLU A 80 24.43 -1.65 15.71
C GLU A 80 24.97 -3.00 15.24
N TYR A 81 24.53 -4.10 15.90
CA TYR A 81 24.86 -5.46 15.41
C TYR A 81 24.33 -5.63 13.98
N TYR A 82 23.04 -5.40 13.73
CA TYR A 82 22.50 -5.68 12.42
C TYR A 82 22.83 -4.63 11.33
N GLN A 83 23.39 -3.51 11.75
CA GLN A 83 24.01 -2.58 10.82
C GLN A 83 25.14 -3.24 10.06
N CYS A 84 25.90 -4.13 10.74
CA CYS A 84 27.06 -4.75 10.10
C CYS A 84 26.94 -6.28 9.82
N HIS A 85 25.94 -6.94 10.40
CA HIS A 85 25.71 -8.38 10.22
C HIS A 85 24.37 -8.57 9.58
N SER A 86 24.36 -9.29 8.46
CA SER A 86 23.15 -9.48 7.70
C SER A 86 22.07 -10.12 8.52
N LEU A 87 20.82 -9.71 8.24
CA LEU A 87 19.65 -10.28 8.90
C LEU A 87 19.48 -11.74 8.54
N LYS A 88 20.16 -12.19 7.49
CA LYS A 88 19.96 -13.53 7.05
C LYS A 88 20.37 -14.57 8.09
N GLU A 89 21.21 -14.23 9.07
CA GLU A 89 21.58 -15.20 10.10
C GLU A 89 20.35 -15.60 10.94
N SER A 90 19.30 -14.76 10.96
CA SER A 90 18.06 -15.18 11.56
CA SER A 90 18.02 -15.17 11.59
C SER A 90 16.81 -15.24 10.70
N PHE A 91 16.84 -14.63 9.50
CA PHE A 91 15.74 -14.71 8.53
C PHE A 91 16.37 -14.94 7.20
N LYS A 92 16.40 -16.17 6.72
CA LYS A 92 16.69 -16.38 5.33
CA LYS A 92 17.06 -16.48 5.41
C LYS A 92 15.46 -15.74 4.60
C LYS A 92 16.45 -15.67 4.21
N GLN A 93 15.70 -15.29 3.38
N GLN A 93 15.17 -15.29 4.33
CA GLN A 93 14.74 -14.44 2.70
CA GLN A 93 14.44 -14.52 3.31
C GLN A 93 14.91 -12.96 3.12
C GLN A 93 14.93 -13.06 3.16
N LEU A 94 15.84 -12.64 4.04
CA LEU A 94 16.14 -11.24 4.29
C LEU A 94 17.66 -10.99 4.41
N ASP A 95 18.33 -11.17 3.31
CA ASP A 95 19.77 -11.02 3.29
C ASP A 95 20.16 -9.59 3.02
N THR A 96 20.05 -8.77 4.05
CA THR A 96 20.55 -7.40 4.02
C THR A 96 20.91 -7.03 5.44
N THR A 97 21.89 -6.17 5.59
CA THR A 97 22.07 -5.41 6.80
C THR A 97 21.05 -4.27 6.90
N LEU A 98 21.03 -3.66 8.09
CA LEU A 98 20.41 -2.37 8.31
C LEU A 98 21.35 -1.32 7.72
N LYS A 99 21.12 -1.04 6.45
CA LYS A 99 22.11 -0.40 5.60
C LYS A 99 21.93 1.12 5.54
N TYR A 100 20.71 1.63 5.34
CA TYR A 100 20.46 3.08 5.20
C TYR A 100 19.38 3.57 6.16
N PRO A 101 19.74 4.37 7.17
CA PRO A 101 18.67 4.92 8.02
C PRO A 101 17.70 5.76 7.20
N TYR A 102 16.40 5.61 7.45
CA TYR A 102 15.43 6.28 6.57
C TYR A 102 15.61 7.80 6.48
N LYS A 103 16.10 8.47 7.52
CA LYS A 103 16.28 9.92 7.43
C LYS A 103 17.55 10.35 6.67
N SER A 104 18.48 9.43 6.51
CA SER A 104 19.65 9.71 5.66
C SER A 104 19.25 9.79 4.18
N ASP B 2 -10.88 2.24 -28.03
CA ASP B 2 -10.93 1.63 -26.66
C ASP B 2 -9.54 1.15 -26.17
N TYR B 3 -9.09 1.67 -25.05
CA TYR B 3 -7.72 1.50 -24.60
C TYR B 3 -7.57 0.48 -23.48
N THR B 4 -8.64 -0.22 -23.17
CA THR B 4 -8.61 -1.10 -22.02
C THR B 4 -7.62 -2.28 -22.15
N ALA B 5 -7.30 -2.68 -23.38
CA ALA B 5 -6.28 -3.70 -23.61
C ALA B 5 -4.84 -3.25 -23.28
N TYR B 6 -4.56 -1.94 -23.31
CA TYR B 6 -3.18 -1.48 -23.19
C TYR B 6 -2.72 -1.53 -21.73
N PRO B 7 -1.49 -2.04 -21.47
CA PRO B 7 -1.01 -2.19 -20.07
C PRO B 7 -0.67 -0.85 -19.38
N TRP B 8 -0.66 0.23 -20.17
CA TRP B 8 -0.51 1.60 -19.64
C TRP B 8 -1.83 2.32 -19.32
N PHE B 9 -2.97 1.74 -19.71
CA PHE B 9 -4.24 2.46 -19.57
C PHE B 9 -4.92 2.11 -18.26
N ALA B 10 -5.19 3.13 -17.44
CA ALA B 10 -5.66 2.94 -16.05
C ALA B 10 -7.12 3.26 -15.86
N GLY B 11 -7.84 3.59 -16.93
CA GLY B 11 -9.27 3.98 -16.83
C GLY B 11 -9.45 5.24 -15.97
N ASN B 12 -10.47 5.27 -15.13
CA ASN B 12 -10.78 6.45 -14.28
C ASN B 12 -10.07 6.50 -12.92
N MET B 13 -8.79 6.20 -12.89
CA MET B 13 -7.98 6.29 -11.70
C MET B 13 -7.79 7.78 -11.35
N GLU B 14 -8.00 8.17 -10.08
CA GLU B 14 -7.84 9.56 -9.67
C GLU B 14 -6.44 9.82 -9.12
N ARG B 15 -6.09 11.08 -8.84
CA ARG B 15 -4.69 11.42 -8.56
C ARG B 15 -4.11 10.69 -7.35
N GLN B 16 -4.84 10.63 -6.26
CA GLN B 16 -4.30 10.01 -5.05
C GLN B 16 -3.96 8.51 -5.36
N GLN B 17 -4.84 7.85 -6.10
CA GLN B 17 -4.68 6.39 -6.29
C GLN B 17 -3.44 6.19 -7.15
N THR B 18 -3.28 7.10 -8.11
CA THR B 18 -2.22 7.06 -9.06
C THR B 18 -0.91 7.26 -8.32
N ASP B 19 -0.83 8.27 -7.43
CA ASP B 19 0.44 8.60 -6.73
C ASP B 19 0.87 7.43 -5.87
N ASN B 20 -0.09 6.93 -5.12
CA ASN B 20 0.16 5.88 -4.14
C ASN B 20 0.64 4.61 -4.83
N LEU B 21 0.08 4.32 -5.99
CA LEU B 21 0.48 3.20 -6.84
C LEU B 21 1.91 3.37 -7.46
N LEU B 22 2.15 4.50 -8.12
CA LEU B 22 3.40 4.72 -8.84
C LEU B 22 4.63 5.00 -7.99
N LYS B 23 4.45 5.51 -6.75
CA LYS B 23 5.58 5.92 -5.89
C LYS B 23 6.57 4.79 -5.62
N SER B 24 6.11 3.54 -5.64
CA SER B 24 6.99 2.42 -5.30
C SER B 24 7.74 1.83 -6.49
N HIS B 25 7.49 2.36 -7.69
CA HIS B 25 7.99 1.77 -8.93
C HIS B 25 9.20 2.55 -9.41
N ALA B 26 9.91 1.96 -10.35
CA ALA B 26 11.07 2.59 -10.91
C ALA B 26 10.71 3.81 -11.79
N SER B 27 11.69 4.70 -11.86
CA SER B 27 11.64 5.85 -12.77
C SER B 27 11.25 5.39 -14.18
N GLY B 28 10.35 6.13 -14.82
CA GLY B 28 9.88 5.79 -16.14
C GLY B 28 8.59 5.01 -16.16
N THR B 29 8.09 4.59 -15.00
CA THR B 29 6.86 3.84 -14.94
C THR B 29 5.70 4.81 -15.12
N TYR B 30 4.72 4.49 -15.96
CA TYR B 30 3.71 5.50 -16.30
C TYR B 30 2.34 4.87 -16.51
N LEU B 31 1.33 5.73 -16.50
CA LEU B 31 0.02 5.37 -16.87
C LEU B 31 -0.74 6.53 -17.51
N ILE B 32 -1.78 6.20 -18.28
CA ILE B 32 -2.73 7.16 -18.78
C ILE B 32 -4.03 6.90 -18.07
N ARG B 33 -4.65 7.99 -17.56
CA ARG B 33 -5.94 7.90 -16.85
C ARG B 33 -6.94 8.92 -17.41
N GLU B 34 -8.23 8.57 -17.33
CA GLU B 34 -9.33 9.43 -17.78
CA GLU B 34 -9.28 9.47 -17.80
C GLU B 34 -9.73 10.41 -16.67
N ARG B 35 -10.11 11.60 -17.06
CA ARG B 35 -10.61 12.61 -16.12
C ARG B 35 -12.03 12.93 -16.61
N PRO B 36 -13.00 12.07 -16.23
CA PRO B 36 -14.38 12.29 -16.66
C PRO B 36 -14.89 13.67 -16.20
N ALA B 37 -15.61 14.35 -17.09
CA ALA B 37 -16.17 15.67 -16.83
C ALA B 37 -15.11 16.81 -16.80
N GLU B 38 -13.85 16.52 -17.12
CA GLU B 38 -12.89 17.61 -17.32
C GLU B 38 -12.70 17.88 -18.82
N ALA B 39 -12.36 19.12 -19.13
CA ALA B 39 -12.11 19.56 -20.50
C ALA B 39 -10.98 18.75 -21.13
N GLU B 40 -9.94 18.52 -20.34
CA GLU B 40 -8.80 17.71 -20.77
C GLU B 40 -9.08 16.35 -20.18
N ARG B 41 -9.59 15.41 -20.99
CA ARG B 41 -10.09 14.17 -20.39
C ARG B 41 -9.09 13.05 -20.21
N PHE B 42 -7.82 13.28 -20.44
CA PHE B 42 -6.80 12.33 -20.01
C PHE B 42 -5.68 13.05 -19.27
N ALA B 43 -4.97 12.30 -18.43
CA ALA B 43 -3.68 12.74 -17.91
C ALA B 43 -2.69 11.61 -18.07
N ILE B 44 -1.43 11.98 -18.23
CA ILE B 44 -0.34 11.05 -18.12
C ILE B 44 0.29 11.27 -16.75
N SER B 45 0.50 10.16 -16.07
CA SER B 45 1.14 10.17 -14.78
C SER B 45 2.39 9.32 -14.82
N ILE B 46 3.48 9.83 -14.28
CA ILE B 46 4.77 9.17 -14.43
C ILE B 46 5.75 9.34 -13.25
N LYS B 47 6.40 8.24 -12.89
CA LYS B 47 7.39 8.27 -11.80
C LYS B 47 8.69 8.81 -12.39
N PHE B 48 9.28 9.80 -11.73
CA PHE B 48 10.58 10.29 -12.17
C PHE B 48 11.29 10.85 -10.95
N ASN B 49 12.50 10.41 -10.67
N ASN B 49 12.56 10.48 -10.79
CA ASN B 49 13.31 11.06 -9.61
CA ASN B 49 13.27 10.66 -9.53
C ASN B 49 12.56 11.28 -8.27
C ASN B 49 12.49 9.92 -8.47
N ASP B 50 12.00 10.20 -7.76
N ASP B 50 12.22 10.68 -7.41
CA ASP B 50 11.43 10.17 -6.40
CA ASP B 50 11.44 10.22 -6.28
C ASP B 50 10.15 11.01 -6.27
C ASP B 50 10.06 10.89 -6.24
N GLU B 51 9.50 11.29 -7.39
CA GLU B 51 8.22 12.00 -7.41
C GLU B 51 7.33 11.38 -8.47
N VAL B 52 6.03 11.62 -8.35
CA VAL B 52 5.10 11.26 -9.43
C VAL B 52 4.62 12.55 -10.09
N LYS B 53 4.82 12.64 -11.39
CA LYS B 53 4.49 13.87 -12.12
C LYS B 53 3.27 13.64 -12.99
N HIS B 54 2.53 14.71 -13.26
CA HIS B 54 1.22 14.63 -13.93
C HIS B 54 1.11 15.67 -15.04
N ILE B 55 0.66 15.20 -16.22
CA ILE B 55 0.62 16.01 -17.44
C ILE B 55 -0.77 15.96 -18.05
N LYS B 56 -1.36 17.11 -18.32
CA LYS B 56 -2.69 17.15 -18.97
C LYS B 56 -2.62 16.82 -20.46
N VAL B 57 -3.57 16.01 -20.94
CA VAL B 57 -3.68 15.67 -22.35
C VAL B 57 -4.90 16.40 -22.89
N VAL B 58 -4.69 17.25 -23.91
CA VAL B 58 -5.70 18.15 -24.38
C VAL B 58 -6.15 17.69 -25.77
N GLU B 59 -7.47 17.69 -25.99
CA GLU B 59 -8.08 17.45 -27.30
C GLU B 59 -8.68 18.70 -27.86
N LYS B 60 -8.46 18.94 -29.15
CA LYS B 60 -9.22 19.94 -29.87
C LYS B 60 -9.40 19.53 -31.31
N ASP B 61 -10.64 19.56 -31.78
CA ASP B 61 -10.99 19.13 -33.15
C ASP B 61 -10.36 17.77 -33.47
N ASN B 62 -9.67 17.63 -34.60
CA ASN B 62 -9.08 16.32 -34.95
C ASN B 62 -7.87 15.89 -34.10
N TRP B 63 -7.48 16.66 -33.07
CA TRP B 63 -6.09 16.55 -32.54
C TRP B 63 -5.99 16.42 -31.05
N ILE B 64 -4.89 15.81 -30.64
CA ILE B 64 -4.60 15.58 -29.24
C ILE B 64 -3.12 15.84 -28.98
N HIS B 65 -2.81 16.42 -27.82
CA HIS B 65 -1.46 16.85 -27.50
C HIS B 65 -1.24 17.01 -26.00
N ILE B 66 0.04 16.93 -25.60
CA ILE B 66 0.52 17.44 -24.33
C ILE B 66 1.23 18.79 -24.44
N THR B 67 1.74 19.11 -25.64
CA THR B 67 2.25 20.43 -25.92
C THR B 67 1.72 20.85 -27.30
N GLU B 68 1.39 22.11 -27.46
CA GLU B 68 0.92 22.59 -28.76
C GLU B 68 1.96 22.49 -29.86
N ALA B 69 3.22 22.25 -29.49
CA ALA B 69 4.30 22.14 -30.51
C ALA B 69 4.26 20.78 -31.24
N LYS B 70 3.45 19.86 -30.75
CA LYS B 70 3.41 18.52 -31.26
C LYS B 70 2.01 17.87 -31.07
N LYS B 71 1.16 18.02 -32.08
CA LYS B 71 -0.20 17.51 -32.11
C LYS B 71 -0.21 16.17 -32.80
N PHE B 72 -1.06 15.29 -32.33
CA PHE B 72 -1.21 13.95 -32.88
C PHE B 72 -2.66 13.69 -33.31
N ASP B 73 -2.84 12.68 -34.17
CA ASP B 73 -4.16 12.35 -34.67
C ASP B 73 -4.91 11.41 -33.71
N SER B 74 -4.22 10.85 -32.72
CA SER B 74 -4.85 9.93 -31.76
C SER B 74 -4.03 9.80 -30.51
N LEU B 75 -4.69 9.38 -29.44
CA LEU B 75 -4.04 9.11 -28.23
C LEU B 75 -2.97 8.02 -28.35
N LEU B 76 -3.25 6.97 -29.11
CA LEU B 76 -2.29 5.90 -29.31
C LEU B 76 -0.97 6.43 -29.93
N GLU B 77 -1.09 7.29 -30.95
CA GLU B 77 0.09 7.86 -31.58
C GLU B 77 0.85 8.75 -30.62
N LEU B 78 0.12 9.54 -29.82
CA LEU B 78 0.80 10.39 -28.82
C LEU B 78 1.60 9.52 -27.85
N VAL B 79 0.95 8.50 -27.28
CA VAL B 79 1.63 7.60 -26.36
C VAL B 79 2.82 6.88 -26.98
N GLU B 80 2.63 6.31 -28.17
CA GLU B 80 3.77 5.67 -28.91
C GLU B 80 4.94 6.64 -29.15
N TYR B 81 4.63 7.91 -29.38
CA TYR B 81 5.70 8.91 -29.61
C TYR B 81 6.58 9.03 -28.34
N TYR B 82 5.94 9.24 -27.18
CA TYR B 82 6.67 9.50 -25.95
C TYR B 82 7.20 8.22 -25.34
N GLN B 83 6.76 7.05 -25.85
CA GLN B 83 7.38 5.77 -25.48
C GLN B 83 8.87 5.74 -25.90
N CYS B 84 9.17 6.43 -26.98
CA CYS B 84 10.52 6.42 -27.51
C CYS B 84 11.25 7.78 -27.51
N HIS B 85 10.51 8.89 -27.31
CA HIS B 85 11.10 10.20 -27.32
C HIS B 85 10.90 10.80 -25.94
N SER B 86 11.99 11.28 -25.34
CA SER B 86 11.98 11.73 -23.96
C SER B 86 11.05 12.93 -23.79
N LEU B 87 10.34 12.97 -22.66
CA LEU B 87 9.54 14.13 -22.33
C LEU B 87 10.36 15.41 -22.15
N LYS B 88 11.68 15.25 -22.00
CA LYS B 88 12.50 16.40 -21.84
C LYS B 88 12.42 17.39 -23.00
N GLU B 89 12.04 16.96 -24.21
CA GLU B 89 11.81 17.92 -25.31
C GLU B 89 10.72 18.88 -24.95
N SER B 90 9.90 18.57 -23.95
CA SER B 90 8.83 19.51 -23.57
C SER B 90 8.70 19.89 -22.13
N PHE B 91 9.37 19.14 -21.24
N PHE B 91 9.35 19.16 -21.23
CA PHE B 91 9.48 19.50 -19.85
CA PHE B 91 9.07 19.32 -19.81
C PHE B 91 10.91 19.16 -19.38
C PHE B 91 10.34 19.52 -18.98
N LYS B 92 11.76 20.19 -19.30
N LYS B 92 10.25 20.44 -18.02
CA LYS B 92 13.18 20.03 -19.01
CA LYS B 92 11.34 20.79 -17.14
C LYS B 92 13.49 19.24 -17.73
C LYS B 92 11.71 19.61 -16.29
N GLN B 93 12.55 19.26 -16.78
N GLN B 93 13.00 19.27 -16.30
CA GLN B 93 12.77 18.60 -15.50
CA GLN B 93 13.52 18.18 -15.50
C GLN B 93 12.32 17.13 -15.50
C GLN B 93 12.53 17.01 -15.50
N LEU B 94 12.13 16.55 -16.69
CA LEU B 94 11.41 15.30 -16.82
C LEU B 94 12.08 14.50 -17.95
N ASP B 95 13.37 14.23 -17.80
CA ASP B 95 14.12 13.55 -18.86
C ASP B 95 13.92 12.05 -18.78
N THR B 96 12.76 11.61 -19.21
CA THR B 96 12.48 10.21 -19.35
C THR B 96 11.48 9.99 -20.46
N THR B 97 11.51 8.80 -21.04
CA THR B 97 10.44 8.36 -21.93
C THR B 97 9.33 7.74 -21.06
N LEU B 98 8.19 7.46 -21.69
CA LEU B 98 7.17 6.60 -21.11
C LEU B 98 7.73 5.15 -21.23
N LYS B 99 8.45 4.74 -20.21
CA LYS B 99 9.39 3.60 -20.30
C LYS B 99 8.70 2.28 -19.93
N TYR B 100 8.00 2.23 -18.80
CA TYR B 100 7.33 1.01 -18.31
C TYR B 100 5.87 1.17 -18.01
N PRO B 101 4.99 0.51 -18.78
CA PRO B 101 3.55 0.60 -18.46
C PRO B 101 3.32 0.07 -17.06
N TYR B 102 2.41 0.71 -16.30
CA TYR B 102 2.30 0.37 -14.89
C TYR B 102 1.89 -1.09 -14.66
N LYS B 103 1.09 -1.67 -15.55
CA LYS B 103 0.65 -3.05 -15.36
C LYS B 103 1.73 -4.01 -15.80
N SER B 104 2.60 -3.60 -16.70
CA SER B 104 3.72 -4.50 -17.04
C SER B 104 4.66 -4.59 -15.82
N ASP C 2 -13.76 -18.12 -6.10
CA ASP C 2 -13.94 -19.23 -5.10
C ASP C 2 -13.10 -18.96 -3.86
N TYR C 3 -13.78 -18.62 -2.76
CA TYR C 3 -13.11 -18.25 -1.51
C TYR C 3 -13.33 -19.31 -0.45
N THR C 4 -13.89 -20.45 -0.83
CA THR C 4 -14.36 -21.45 0.14
C THR C 4 -13.17 -22.11 0.87
N ALA C 5 -11.98 -22.03 0.28
CA ALA C 5 -10.73 -22.51 0.90
C ALA C 5 -10.29 -21.67 2.11
N TYR C 6 -10.78 -20.44 2.23
CA TYR C 6 -10.29 -19.54 3.25
C TYR C 6 -11.06 -19.59 4.56
N PRO C 7 -10.33 -19.57 5.69
CA PRO C 7 -10.99 -19.68 7.00
C PRO C 7 -11.77 -18.43 7.42
N TRP C 8 -11.60 -17.34 6.68
CA TRP C 8 -12.35 -16.11 6.92
C TRP C 8 -13.62 -15.99 6.09
N PHE C 9 -13.87 -16.94 5.17
CA PHE C 9 -14.95 -16.75 4.21
C PHE C 9 -16.18 -17.51 4.70
N ALA C 10 -17.31 -16.80 4.84
CA ALA C 10 -18.54 -17.37 5.45
C ALA C 10 -19.63 -17.55 4.43
N GLY C 11 -19.30 -17.39 3.15
CA GLY C 11 -20.32 -17.54 2.09
C GLY C 11 -21.50 -16.59 2.33
N ASN C 12 -22.68 -17.08 2.05
CA ASN C 12 -23.93 -16.34 2.12
CA ASN C 12 -23.92 -16.28 2.13
C ASN C 12 -24.54 -16.27 3.54
N MET C 13 -23.73 -16.18 4.57
CA MET C 13 -24.23 -16.05 5.92
C MET C 13 -24.93 -14.69 6.11
N GLU C 14 -26.06 -14.67 6.80
CA GLU C 14 -26.86 -13.47 6.99
C GLU C 14 -26.35 -12.66 8.17
N ARG C 15 -26.79 -11.40 8.27
CA ARG C 15 -26.34 -10.54 9.36
C ARG C 15 -26.64 -11.10 10.73
N GLN C 16 -27.85 -11.59 10.96
CA GLN C 16 -28.30 -12.14 12.27
CA GLN C 16 -28.21 -12.02 12.29
C GLN C 16 -27.31 -13.17 12.75
N GLN C 17 -27.00 -14.13 11.88
CA GLN C 17 -26.13 -15.25 12.26
C GLN C 17 -24.71 -14.80 12.47
N THR C 18 -24.26 -13.91 11.61
CA THR C 18 -22.96 -13.35 11.71
C THR C 18 -22.80 -12.64 13.08
N ASP C 19 -23.79 -11.85 13.49
CA ASP C 19 -23.72 -11.12 14.77
C ASP C 19 -23.60 -12.10 15.91
N ASN C 20 -24.42 -13.15 15.87
CA ASN C 20 -24.47 -14.13 16.94
C ASN C 20 -23.20 -14.92 16.96
N LEU C 21 -22.68 -15.21 15.79
CA LEU C 21 -21.43 -15.92 15.70
C LEU C 21 -20.28 -15.11 16.28
N LEU C 22 -20.04 -13.91 15.74
CA LEU C 22 -18.89 -13.12 16.11
C LEU C 22 -18.92 -12.53 17.54
N LYS C 23 -20.11 -12.22 18.07
CA LYS C 23 -20.25 -11.70 19.43
C LYS C 23 -19.57 -12.62 20.48
N SER C 24 -19.53 -13.92 20.24
CA SER C 24 -18.98 -14.85 21.23
C SER C 24 -17.48 -14.88 21.24
N HIS C 25 -16.84 -14.19 20.28
CA HIS C 25 -15.40 -14.33 20.06
C HIS C 25 -14.62 -13.11 20.47
N ALA C 26 -13.31 -13.26 20.49
CA ALA C 26 -12.41 -12.19 20.84
C ALA C 26 -12.51 -11.04 19.84
N SER C 27 -12.20 -9.84 20.36
CA SER C 27 -11.98 -8.66 19.55
C SER C 27 -10.97 -8.94 18.39
N GLY C 28 -11.32 -8.56 17.17
CA GLY C 28 -10.50 -8.82 15.98
C GLY C 28 -10.89 -10.05 15.19
N THR C 29 -11.81 -10.86 15.72
CA THR C 29 -12.41 -11.98 14.96
C THR C 29 -13.30 -11.48 13.85
N TYR C 30 -13.08 -11.96 12.62
CA TYR C 30 -13.76 -11.42 11.45
C TYR C 30 -14.17 -12.50 10.47
N LEU C 31 -15.07 -12.11 9.59
CA LEU C 31 -15.40 -12.89 8.40
C LEU C 31 -15.78 -11.96 7.24
N ILE C 32 -15.76 -12.52 6.04
CA ILE C 32 -16.29 -11.95 4.88
C ILE C 32 -17.49 -12.77 4.45
N ARG C 33 -18.57 -12.10 4.13
CA ARG C 33 -19.80 -12.76 3.69
C ARG C 33 -20.31 -12.12 2.42
N GLU C 34 -20.97 -12.92 1.62
CA GLU C 34 -21.63 -12.46 0.42
C GLU C 34 -22.98 -11.83 0.66
N ARG C 35 -23.32 -10.87 -0.19
CA ARG C 35 -24.66 -10.24 -0.14
C ARG C 35 -25.21 -10.34 -1.56
N PRO C 36 -25.75 -11.53 -1.93
CA PRO C 36 -25.97 -11.83 -3.34
C PRO C 36 -27.05 -10.95 -4.02
N ALA C 37 -27.97 -10.38 -3.27
CA ALA C 37 -28.98 -9.53 -3.92
C ALA C 37 -28.55 -8.06 -4.00
N GLU C 38 -27.34 -7.72 -3.55
CA GLU C 38 -26.98 -6.29 -3.41
C GLU C 38 -25.89 -5.83 -4.33
N ALA C 39 -25.80 -4.50 -4.49
CA ALA C 39 -24.77 -3.85 -5.31
C ALA C 39 -23.37 -4.02 -4.73
N GLU C 40 -23.25 -3.99 -3.41
CA GLU C 40 -22.02 -4.23 -2.73
C GLU C 40 -22.08 -5.74 -2.39
N ARG C 41 -21.35 -6.54 -3.16
CA ARG C 41 -21.56 -8.00 -3.15
C ARG C 41 -20.95 -8.68 -1.92
N PHE C 42 -20.15 -7.99 -1.11
CA PHE C 42 -19.61 -8.55 0.11
C PHE C 42 -19.65 -7.57 1.24
N ALA C 43 -19.57 -8.10 2.45
CA ALA C 43 -19.35 -7.29 3.64
C ALA C 43 -18.26 -7.95 4.45
N ILE C 44 -17.54 -7.12 5.22
CA ILE C 44 -16.68 -7.59 6.25
C ILE C 44 -17.40 -7.35 7.58
N SER C 45 -17.41 -8.37 8.41
CA SER C 45 -17.98 -8.25 9.74
C SER C 45 -16.91 -8.59 10.74
N ILE C 46 -16.83 -7.79 11.80
CA ILE C 46 -15.69 -7.85 12.74
C ILE C 46 -16.14 -7.52 14.17
N LYS C 47 -15.71 -8.34 15.11
CA LYS C 47 -15.85 -8.05 16.54
C LYS C 47 -14.79 -7.01 16.98
N PHE C 48 -15.27 -5.97 17.66
CA PHE C 48 -14.38 -4.94 18.20
C PHE C 48 -15.03 -4.37 19.43
N ASN C 49 -14.20 -4.26 20.47
N ASN C 49 -14.32 -4.44 20.55
CA ASN C 49 -14.66 -3.99 21.80
CA ASN C 49 -14.82 -4.04 21.90
C ASN C 49 -15.74 -5.04 22.07
C ASN C 49 -16.33 -4.11 22.16
N ASP C 50 -16.95 -4.57 22.33
N ASP C 50 -16.81 -5.34 22.21
CA ASP C 50 -18.03 -5.44 22.67
CA ASP C 50 -18.16 -5.63 22.66
C ASP C 50 -19.21 -5.30 21.68
C ASP C 50 -19.24 -5.53 21.59
N GLU C 51 -18.88 -5.07 20.40
CA GLU C 51 -19.86 -4.91 19.32
C GLU C 51 -19.39 -5.66 18.09
N VAL C 52 -20.32 -5.99 17.22
CA VAL C 52 -19.95 -6.51 15.94
C VAL C 52 -20.23 -5.41 14.93
N LYS C 53 -19.22 -5.07 14.14
CA LYS C 53 -19.34 -4.01 13.17
C LYS C 53 -19.33 -4.58 11.78
N HIS C 54 -19.96 -3.87 10.84
CA HIS C 54 -20.18 -4.40 9.48
C HIS C 54 -19.80 -3.35 8.49
N ILE C 55 -19.10 -3.80 7.44
CA ILE C 55 -18.48 -2.89 6.49
C ILE C 55 -18.81 -3.33 5.07
N LYS C 56 -19.41 -2.48 4.26
CA LYS C 56 -19.72 -2.84 2.87
C LYS C 56 -18.46 -2.86 2.07
N VAL C 57 -18.37 -3.81 1.15
CA VAL C 57 -17.23 -3.92 0.25
C VAL C 57 -17.70 -3.56 -1.11
N VAL C 58 -17.21 -2.43 -1.61
CA VAL C 58 -17.71 -1.78 -2.82
C VAL C 58 -16.78 -2.06 -3.99
N GLU C 59 -17.39 -2.42 -5.11
CA GLU C 59 -16.71 -2.58 -6.38
C GLU C 59 -17.12 -1.45 -7.30
N LYS C 60 -16.16 -0.67 -7.80
CA LYS C 60 -16.52 0.33 -8.78
C LYS C 60 -15.40 0.42 -9.77
N ASP C 61 -15.76 0.56 -11.04
CA ASP C 61 -14.77 0.60 -12.12
C ASP C 61 -13.90 -0.65 -11.97
N ASN C 62 -12.60 -0.53 -12.10
CA ASN C 62 -11.75 -1.74 -12.03
C ASN C 62 -11.45 -2.28 -10.57
N TRP C 63 -11.93 -1.61 -9.52
CA TRP C 63 -11.32 -1.80 -8.20
C TRP C 63 -12.33 -2.15 -7.14
N ILE C 64 -11.81 -2.60 -6.00
CA ILE C 64 -12.63 -2.97 -4.85
C ILE C 64 -12.09 -2.26 -3.64
N HIS C 65 -12.99 -1.83 -2.76
CA HIS C 65 -12.58 -1.04 -1.60
C HIS C 65 -13.56 -1.05 -0.47
N ILE C 66 -13.09 -0.80 0.75
CA ILE C 66 -14.00 -0.36 1.82
C ILE C 66 -14.09 1.18 2.00
N THR C 67 -13.01 1.90 1.68
CA THR C 67 -13.02 3.34 1.53
C THR C 67 -12.31 3.71 0.22
N GLU C 68 -12.79 4.74 -0.45
CA GLU C 68 -12.26 5.09 -1.78
C GLU C 68 -10.80 5.48 -1.80
N ALA C 69 -10.27 5.88 -0.65
CA ALA C 69 -8.85 6.28 -0.48
C ALA C 69 -7.89 5.11 -0.57
N LYS C 70 -8.43 3.91 -0.52
CA LYS C 70 -7.57 2.72 -0.61
C LYS C 70 -8.25 1.64 -1.47
N LYS C 71 -7.81 1.55 -2.73
CA LYS C 71 -8.45 0.67 -3.70
C LYS C 71 -7.54 -0.50 -4.08
N PHE C 72 -8.15 -1.67 -4.29
CA PHE C 72 -7.41 -2.90 -4.57
C PHE C 72 -7.87 -3.52 -5.88
N ASP C 73 -7.06 -4.40 -6.45
CA ASP C 73 -7.43 -5.12 -7.68
C ASP C 73 -8.28 -6.37 -7.42
N SER C 74 -8.35 -6.82 -6.19
CA SER C 74 -9.11 -8.09 -5.88
C SER C 74 -9.54 -8.11 -4.44
N LEU C 75 -10.58 -8.87 -4.15
CA LEU C 75 -11.01 -9.07 -2.80
C LEU C 75 -9.86 -9.67 -1.94
N LEU C 76 -9.16 -10.63 -2.47
CA LEU C 76 -8.07 -11.25 -1.66
C LEU C 76 -6.97 -10.23 -1.24
N GLU C 77 -6.62 -9.31 -2.14
CA GLU C 77 -5.65 -8.28 -1.81
C GLU C 77 -6.19 -7.33 -0.75
N LEU C 78 -7.46 -6.95 -0.86
CA LEU C 78 -8.06 -6.13 0.14
C LEU C 78 -8.00 -6.80 1.53
N VAL C 79 -8.43 -8.06 1.59
CA VAL C 79 -8.46 -8.78 2.86
C VAL C 79 -7.01 -8.91 3.43
N GLU C 80 -6.08 -9.31 2.57
CA GLU C 80 -4.69 -9.41 2.99
C GLU C 80 -4.11 -8.09 3.51
N TYR C 81 -4.49 -6.97 2.91
CA TYR C 81 -4.01 -5.67 3.38
C TYR C 81 -4.49 -5.45 4.84
N TYR C 82 -5.79 -5.61 5.07
CA TYR C 82 -6.29 -5.31 6.43
C TYR C 82 -6.03 -6.38 7.46
N GLN C 83 -5.54 -7.57 7.02
CA GLN C 83 -5.08 -8.56 7.95
C GLN C 83 -3.87 -7.99 8.72
N CYS C 84 -3.13 -7.11 8.05
CA CYS C 84 -1.91 -6.56 8.72
C CYS C 84 -1.92 -5.05 9.02
N HIS C 85 -2.84 -4.30 8.40
CA HIS C 85 -3.00 -2.82 8.54
C HIS C 85 -4.34 -2.52 9.19
N SER C 86 -4.31 -1.83 10.32
CA SER C 86 -5.51 -1.59 11.10
C SER C 86 -6.55 -0.87 10.24
N LEU C 87 -7.80 -1.24 10.49
CA LEU C 87 -8.96 -0.62 9.87
C LEU C 87 -9.07 0.85 10.26
N LYS C 88 -8.36 1.26 11.31
CA LYS C 88 -8.40 2.64 11.77
C LYS C 88 -8.05 3.62 10.62
N GLU C 89 -7.27 3.16 9.65
CA GLU C 89 -6.90 3.97 8.48
CA GLU C 89 -6.92 4.10 8.59
C GLU C 89 -8.16 4.48 7.78
N SER C 90 -9.19 3.62 7.76
CA SER C 90 -10.51 3.89 7.12
C SER C 90 -11.57 4.39 8.11
N PHE C 91 -11.64 3.77 9.29
CA PHE C 91 -12.64 4.09 10.28
C PHE C 91 -11.98 4.33 11.64
N LYS C 92 -11.89 5.55 12.09
CA LYS C 92 -10.96 5.85 13.17
C LYS C 92 -11.33 5.15 14.51
N GLN C 93 -12.60 4.83 14.75
CA GLN C 93 -13.05 4.12 16.00
C GLN C 93 -13.05 2.58 15.83
N LEU C 94 -12.33 2.08 14.83
CA LEU C 94 -12.28 0.65 14.59
C LEU C 94 -10.79 0.29 14.50
N ASP C 95 -10.13 0.44 15.64
CA ASP C 95 -8.69 0.24 15.64
C ASP C 95 -8.33 -1.22 15.85
N THR C 96 -8.48 -1.99 14.80
CA THR C 96 -8.10 -3.39 14.79
C THR C 96 -7.78 -3.84 13.38
N THR C 97 -6.86 -4.80 13.23
CA THR C 97 -6.70 -5.55 11.98
C THR C 97 -7.79 -6.61 11.88
N LEU C 98 -7.86 -7.25 10.74
CA LEU C 98 -8.64 -8.46 10.54
C LEU C 98 -7.72 -9.54 11.10
N LYS C 99 -7.87 -9.82 12.40
CA LYS C 99 -6.87 -10.49 13.16
C LYS C 99 -7.05 -12.02 13.19
N TYR C 100 -8.30 -12.49 13.41
CA TYR C 100 -8.59 -13.89 13.62
C TYR C 100 -9.73 -14.31 12.67
N PRO C 101 -9.41 -15.11 11.64
CA PRO C 101 -10.53 -15.62 10.83
C PRO C 101 -11.51 -16.40 11.68
N TYR C 102 -12.80 -16.23 11.41
CA TYR C 102 -13.80 -16.80 12.32
C TYR C 102 -13.69 -18.32 12.42
N LYS C 103 -13.34 -19.01 11.33
CA LYS C 103 -13.24 -20.50 11.40
C LYS C 103 -12.07 -20.93 12.29
N SER C 104 -10.97 -20.20 12.22
CA SER C 104 -9.84 -20.45 13.13
C SER C 104 -10.31 -20.24 14.55
N PRO D 6 3.18 -13.61 3.80
CA PRO D 6 1.88 -13.50 4.44
C PRO D 6 1.79 -13.43 5.97
N PRO D 7 2.88 -13.72 6.77
CA PRO D 7 2.64 -13.31 8.16
C PRO D 7 2.87 -11.79 8.24
N CYS D 8 2.28 -11.13 9.20
CA CYS D 8 2.41 -9.67 9.27
C CYS D 8 3.87 -9.25 9.62
N MET D 10 7.93 -10.88 10.28
CA MET D 10 8.78 -11.98 9.83
C MET D 10 8.72 -13.08 10.89
N ASP D 11 8.51 -14.31 10.45
CA ASP D 11 8.45 -15.45 11.35
C ASP D 11 9.95 -15.83 11.66
N VAL D 12 10.20 -16.07 12.91
CA VAL D 12 11.52 -16.50 13.32
C VAL D 12 11.58 -18.06 13.26
N ILE D 13 12.33 -18.62 12.31
CA ILE D 13 12.57 -20.08 12.29
C ILE D 13 13.17 -20.59 13.61
N PRO E 6 5.31 24.05 -6.80
CA PRO E 6 4.93 23.62 -8.14
C PRO E 6 3.41 23.71 -8.47
N PRO E 7 3.06 23.71 -9.78
CA PRO E 7 1.67 23.57 -10.19
C PRO E 7 1.31 22.07 -10.09
N CYS E 8 0.02 21.78 -10.13
CA CYS E 8 -0.43 20.42 -9.90
C CYS E 8 -0.09 19.55 -11.11
N MET E 10 2.15 19.52 -14.99
CA MET E 10 3.39 20.10 -15.55
C MET E 10 3.04 21.28 -16.46
N ASP E 11 3.85 22.34 -16.34
CA ASP E 11 3.79 23.48 -17.27
C ASP E 11 4.52 23.13 -18.54
N VAL E 12 3.97 23.51 -19.68
CA VAL E 12 4.59 23.14 -20.96
C VAL E 12 5.81 24.07 -21.31
N ILE E 13 7.00 23.48 -21.42
N PRO F 6 -26.65 4.12 15.88
CA PRO F 6 -25.59 3.84 14.87
C PRO F 6 -26.20 3.39 13.52
N PRO F 7 -25.51 3.64 12.35
CA PRO F 7 -26.06 3.11 11.11
C PRO F 7 -25.77 1.61 10.96
N CYS F 8 -26.35 0.97 9.95
CA CYS F 8 -26.24 -0.49 9.79
C CYS F 8 -24.80 -0.96 9.43
N MET F 10 -20.70 0.63 8.69
CA MET F 10 -19.78 1.72 9.02
C MET F 10 -19.90 2.80 7.94
N ASP F 11 -20.08 4.03 8.43
CA ASP F 11 -20.38 5.14 7.59
C ASP F 11 -19.08 5.63 6.98
N VAL F 12 -19.13 5.85 5.67
CA VAL F 12 -17.96 6.38 4.94
C VAL F 12 -18.29 7.82 4.51
#